data_4U3Q
#
_entry.id   4U3Q
#
_cell.length_a   85.682
_cell.length_b   85.682
_cell.length_c   85.376
_cell.angle_alpha   90.000
_cell.angle_beta   90.000
_cell.angle_gamma   120.000
#
_symmetry.space_group_name_H-M   'H 3'
#
loop_
_entity.id
_entity.type
_entity.pdbx_description
1 polymer '17 kDa lipoprotein'
2 water water
#
_entity_poly.entity_id   1
_entity_poly.type   'polypeptide(L)'
_entity_poly.pdbx_seq_one_letter_code
;GKAKAEKVECALKGGIFRGTLPAADCPGIDTTVTFNADGTAQKVELALEKKSAPSPLTYRGTWMVREDGIVELSLVSSEQ
SKAPHEKELYELIDSNSVRYMGAPGAGKPSKEMAPFYVLKKT
;
_entity_poly.pdbx_strand_id   A,B
#
# COMPACT_ATOMS: atom_id res chain seq x y z
N LYS A 2 9.70 -7.43 9.50
CA LYS A 2 8.42 -7.65 8.83
C LYS A 2 7.97 -6.37 8.13
N ALA A 3 8.27 -5.21 8.72
CA ALA A 3 7.85 -3.92 8.17
C ALA A 3 8.29 -3.76 6.72
N LYS A 4 9.60 -3.89 6.49
CA LYS A 4 10.18 -3.76 5.16
C LYS A 4 9.52 -4.69 4.15
N ALA A 5 9.29 -5.94 4.57
CA ALA A 5 8.75 -6.97 3.67
C ALA A 5 7.35 -6.63 3.18
N GLU A 6 6.47 -6.22 4.09
CA GLU A 6 5.08 -5.98 3.73
C GLU A 6 4.92 -4.63 3.03
N LYS A 7 5.90 -3.75 3.19
CA LYS A 7 5.91 -2.50 2.45
C LYS A 7 6.22 -2.77 0.98
N VAL A 8 7.20 -3.65 0.75
CA VAL A 8 7.55 -4.08 -0.60
C VAL A 8 6.38 -4.82 -1.24
N GLU A 9 5.73 -5.66 -0.45
CA GLU A 9 4.56 -6.41 -0.91
C GLU A 9 3.47 -5.45 -1.39
N CYS A 10 3.17 -4.46 -0.56
CA CYS A 10 2.12 -3.50 -0.87
C CYS A 10 2.39 -2.71 -2.15
N ALA A 11 3.64 -2.29 -2.33
CA ALA A 11 4.01 -1.44 -3.45
C ALA A 11 3.98 -2.19 -4.77
N LEU A 12 4.18 -3.49 -4.73
CA LEU A 12 4.38 -4.29 -5.94
C LEU A 12 3.10 -4.89 -6.50
N LYS A 13 2.28 -5.48 -5.64
CA LYS A 13 1.13 -6.25 -6.11
C LYS A 13 0.13 -5.39 -6.86
N GLY A 14 -0.27 -5.86 -8.04
CA GLY A 14 -1.14 -5.12 -8.93
C GLY A 14 -0.36 -4.25 -9.88
N GLY A 15 0.94 -4.11 -9.63
CA GLY A 15 1.79 -3.22 -10.40
C GLY A 15 2.51 -3.90 -11.55
N ILE A 16 2.70 -3.14 -12.62
CA ILE A 16 3.47 -3.61 -13.79
C ILE A 16 4.66 -2.68 -14.00
N PHE A 17 5.83 -3.26 -14.16
CA PHE A 17 7.08 -2.51 -14.22
C PHE A 17 7.80 -2.76 -15.53
N ARG A 18 8.20 -1.69 -16.19
CA ARG A 18 8.79 -1.76 -17.52
C ARG A 18 10.14 -1.05 -17.56
N GLY A 19 11.03 -1.54 -18.42
CA GLY A 19 12.33 -0.94 -18.62
C GLY A 19 13.15 -1.76 -19.58
N THR A 20 14.09 -1.12 -20.26
CA THR A 20 14.96 -1.80 -21.21
C THR A 20 16.27 -2.17 -20.52
N LEU A 21 16.46 -3.46 -20.29
CA LEU A 21 17.67 -3.95 -19.62
C LEU A 21 18.78 -4.19 -20.64
N PRO A 22 20.04 -4.22 -20.17
CA PRO A 22 21.17 -4.47 -21.08
C PRO A 22 21.08 -5.79 -21.82
N ILE A 29 16.89 -5.03 -24.28
CA ILE A 29 15.67 -5.82 -24.38
C ILE A 29 14.55 -5.18 -23.57
N ASP A 30 13.50 -4.74 -24.28
CA ASP A 30 12.36 -4.13 -23.64
C ASP A 30 11.63 -5.16 -22.78
N THR A 31 11.65 -4.96 -21.47
CA THR A 31 11.18 -5.98 -20.53
C THR A 31 10.03 -5.49 -19.66
N THR A 32 9.07 -6.38 -19.43
CA THR A 32 7.95 -6.12 -18.53
C THR A 32 7.96 -7.15 -17.40
N VAL A 33 7.64 -6.70 -16.20
CA VAL A 33 7.49 -7.59 -15.05
C VAL A 33 6.24 -7.19 -14.28
N THR A 34 5.27 -8.10 -14.27
CA THR A 34 3.99 -7.86 -13.60
C THR A 34 3.88 -8.71 -12.34
N PHE A 35 3.74 -8.05 -11.20
CA PHE A 35 3.54 -8.73 -9.93
C PHE A 35 2.05 -8.74 -9.59
N ASN A 36 1.35 -9.80 -10.00
CA ASN A 36 -0.07 -9.91 -9.72
C ASN A 36 -0.31 -10.01 -8.22
N ALA A 37 -1.47 -9.52 -7.78
CA ALA A 37 -1.78 -9.47 -6.36
C ALA A 37 -2.13 -10.85 -5.81
N ASP A 38 -2.36 -11.82 -6.69
CA ASP A 38 -2.67 -13.18 -6.25
C ASP A 38 -1.39 -13.94 -5.90
N GLY A 39 -0.24 -13.30 -6.12
CA GLY A 39 1.05 -13.91 -5.81
C GLY A 39 1.74 -14.46 -7.04
N THR A 40 1.05 -14.42 -8.18
CA THR A 40 1.62 -14.88 -9.44
C THR A 40 2.34 -13.74 -10.13
N ALA A 41 3.14 -14.07 -11.13
CA ALA A 41 3.91 -13.07 -11.86
C ALA A 41 4.03 -13.42 -13.34
N GLN A 42 4.25 -12.38 -14.15
CA GLN A 42 4.44 -12.54 -15.58
C GLN A 42 5.58 -11.66 -16.04
N LYS A 43 6.48 -12.21 -16.85
CA LYS A 43 7.54 -11.43 -17.48
C LYS A 43 7.44 -11.53 -19.00
N VAL A 44 7.57 -10.38 -19.66
CA VAL A 44 7.54 -10.33 -21.11
C VAL A 44 8.83 -9.67 -21.63
N GLU A 45 9.36 -10.22 -22.72
CA GLU A 45 10.59 -9.69 -23.33
C GLU A 45 10.42 -9.58 -24.85
N LEU A 46 11.09 -8.59 -25.43
CA LEU A 46 11.08 -8.40 -26.88
C LEU A 46 12.48 -8.56 -27.45
N SER A 55 8.51 -10.61 -31.49
CA SER A 55 9.02 -11.84 -30.91
C SER A 55 8.87 -11.85 -29.40
N PRO A 56 7.63 -11.71 -28.91
CA PRO A 56 7.38 -11.62 -27.47
C PRO A 56 7.60 -12.94 -26.73
N LEU A 57 8.68 -13.02 -25.96
CA LEU A 57 8.89 -14.15 -25.06
C LEU A 57 8.09 -13.90 -23.79
N THR A 58 7.48 -14.96 -23.26
CA THR A 58 6.66 -14.84 -22.05
C THR A 58 7.13 -15.83 -20.99
N TYR A 59 7.11 -15.38 -19.74
CA TYR A 59 7.49 -16.20 -18.60
C TYR A 59 6.43 -16.06 -17.52
N ARG A 60 5.99 -17.19 -16.96
CA ARG A 60 4.98 -17.19 -15.90
C ARG A 60 5.53 -17.84 -14.65
N GLY A 61 4.99 -17.46 -13.50
CA GLY A 61 5.43 -18.01 -12.24
C GLY A 61 4.90 -17.24 -11.04
N THR A 62 5.59 -17.37 -9.91
CA THR A 62 5.21 -16.69 -8.68
C THR A 62 6.35 -15.83 -8.16
N TRP A 63 6.01 -14.85 -7.32
CA TRP A 63 7.00 -13.99 -6.69
C TRP A 63 6.85 -14.06 -5.18
N MET A 64 7.98 -13.97 -4.47
CA MET A 64 7.98 -14.01 -3.01
C MET A 64 8.93 -12.96 -2.43
N VAL A 65 8.58 -12.44 -1.26
CA VAL A 65 9.34 -11.40 -0.61
C VAL A 65 9.98 -11.91 0.69
N ARG A 66 11.29 -11.76 0.83
CA ARG A 66 11.96 -12.10 2.07
C ARG A 66 11.66 -11.06 3.13
N GLU A 67 12.34 -11.14 4.27
CA GLU A 67 12.16 -10.16 5.34
C GLU A 67 13.16 -9.01 5.18
N ASP A 68 14.19 -9.20 4.36
CA ASP A 68 15.16 -8.16 4.09
C ASP A 68 14.67 -7.22 2.98
N GLY A 69 13.58 -7.61 2.33
CA GLY A 69 12.92 -6.77 1.35
C GLY A 69 13.03 -7.29 -0.08
N ILE A 70 14.03 -8.12 -0.33
CA ILE A 70 14.29 -8.61 -1.68
C ILE A 70 13.15 -9.49 -2.19
N VAL A 71 12.89 -9.39 -3.49
CA VAL A 71 11.80 -10.12 -4.12
C VAL A 71 12.33 -11.25 -4.99
N GLU A 72 11.97 -12.48 -4.63
CA GLU A 72 12.35 -13.65 -5.43
C GLU A 72 11.30 -13.94 -6.48
N LEU A 73 11.75 -14.12 -7.72
CA LEU A 73 10.87 -14.41 -8.84
C LEU A 73 11.27 -15.73 -9.48
N SER A 74 10.33 -16.67 -9.50
CA SER A 74 10.57 -18.01 -10.03
C SER A 74 9.70 -18.26 -11.25
N LEU A 75 10.27 -18.04 -12.43
CA LEU A 75 9.53 -18.15 -13.69
C LEU A 75 9.74 -19.50 -14.35
N VAL A 76 9.01 -19.75 -15.44
CA VAL A 76 9.16 -20.98 -16.21
C VAL A 76 8.42 -20.86 -17.55
N GLU A 86 17.54 -19.35 -12.85
CA GLU A 86 16.22 -19.90 -12.59
C GLU A 86 15.44 -19.03 -11.61
N LYS A 87 16.16 -18.35 -10.73
CA LYS A 87 15.56 -17.38 -9.82
C LYS A 87 16.04 -15.98 -10.17
N GLU A 88 15.12 -15.02 -10.15
CA GLU A 88 15.44 -13.62 -10.38
C GLU A 88 15.11 -12.78 -9.16
N LEU A 89 16.10 -12.02 -8.69
CA LEU A 89 15.92 -11.15 -7.53
C LEU A 89 15.57 -9.73 -7.97
N TYR A 90 14.82 -9.03 -7.12
CA TYR A 90 14.44 -7.65 -7.40
C TYR A 90 14.42 -6.83 -6.13
N GLU A 91 14.92 -5.59 -6.24
CA GLU A 91 14.92 -4.65 -5.13
C GLU A 91 13.95 -3.52 -5.41
N LEU A 92 13.23 -3.08 -4.38
CA LEU A 92 12.33 -1.94 -4.49
C LEU A 92 13.08 -0.65 -4.18
N ILE A 93 13.33 0.16 -5.21
CA ILE A 93 14.03 1.42 -5.02
C ILE A 93 13.10 2.41 -4.32
N ASP A 94 11.98 2.70 -4.95
CA ASP A 94 10.93 3.52 -4.34
C ASP A 94 9.56 2.90 -4.65
N SER A 95 8.50 3.65 -4.39
CA SER A 95 7.15 3.13 -4.59
C SER A 95 6.86 2.76 -6.04
N ASN A 96 7.60 3.37 -6.97
CA ASN A 96 7.31 3.22 -8.40
C ASN A 96 8.47 2.65 -9.22
N SER A 97 9.54 2.21 -8.55
CA SER A 97 10.71 1.70 -9.25
C SER A 97 11.22 0.40 -8.62
N VAL A 98 11.76 -0.47 -9.47
CA VAL A 98 12.31 -1.76 -9.05
C VAL A 98 13.56 -2.07 -9.86
N ARG A 99 14.58 -2.61 -9.20
CA ARG A 99 15.84 -2.94 -9.86
C ARG A 99 16.03 -4.45 -9.98
N TYR A 100 16.35 -4.89 -11.19
CA TYR A 100 16.67 -6.29 -11.46
C TYR A 100 18.10 -6.58 -11.02
N MET A 101 18.25 -7.43 -10.01
CA MET A 101 19.55 -7.70 -9.39
C MET A 101 20.21 -8.94 -9.97
N GLY A 102 19.48 -9.68 -10.80
CA GLY A 102 20.00 -10.90 -11.40
C GLY A 102 19.69 -12.12 -10.58
N ALA A 103 20.43 -13.21 -10.84
CA ALA A 103 20.25 -14.45 -10.11
C ALA A 103 20.78 -14.33 -8.69
N PRO A 104 20.31 -15.21 -7.78
CA PRO A 104 20.83 -15.15 -6.41
C PRO A 104 22.29 -15.59 -6.33
N GLY A 105 23.09 -14.85 -5.56
CA GLY A 105 24.51 -15.11 -5.48
C GLY A 105 25.26 -14.38 -6.59
N ALA A 106 24.84 -13.14 -6.85
CA ALA A 106 25.44 -12.33 -7.89
C ALA A 106 25.88 -10.98 -7.33
N GLU A 112 28.67 0.56 -11.96
CA GLU A 112 27.99 1.83 -11.72
C GLU A 112 26.90 2.07 -12.77
N MET A 113 26.35 0.98 -13.30
CA MET A 113 25.32 1.06 -14.33
C MET A 113 24.01 0.46 -13.81
N ALA A 114 23.75 0.66 -12.51
CA ALA A 114 22.53 0.20 -11.88
C ALA A 114 21.26 0.79 -12.51
N PRO A 115 21.29 2.09 -12.88
CA PRO A 115 20.08 2.71 -13.44
C PRO A 115 19.53 2.02 -14.68
N PHE A 116 20.36 1.25 -15.38
CA PHE A 116 19.93 0.55 -16.58
C PHE A 116 19.19 -0.74 -16.26
N TYR A 117 19.12 -1.09 -14.97
CA TYR A 117 18.42 -2.28 -14.52
C TYR A 117 17.14 -1.92 -13.79
N VAL A 118 16.75 -0.65 -13.88
CA VAL A 118 15.56 -0.15 -13.21
C VAL A 118 14.31 -0.43 -14.04
N LEU A 119 13.21 -0.70 -13.36
CA LEU A 119 11.92 -0.92 -14.01
C LEU A 119 10.88 -0.02 -13.37
N LYS A 120 10.35 0.92 -14.14
CA LYS A 120 9.40 1.90 -13.64
C LYS A 120 7.96 1.41 -13.76
N LYS A 121 7.15 1.73 -12.76
CA LYS A 121 5.74 1.37 -12.73
C LYS A 121 5.01 2.00 -13.91
N THR A 122 4.07 1.27 -14.50
CA THR A 122 3.30 1.76 -15.63
C THR A 122 1.82 1.48 -15.42
N LYS B 2 -11.48 -9.40 0.65
CA LYS B 2 -10.10 -9.75 0.91
C LYS B 2 -9.14 -8.89 0.10
N ALA B 3 -9.28 -8.96 -1.22
CA ALA B 3 -8.43 -8.20 -2.13
C ALA B 3 -8.58 -6.70 -1.90
N LYS B 4 -9.78 -6.29 -1.48
CA LYS B 4 -10.06 -4.89 -1.23
C LYS B 4 -9.41 -4.41 0.07
N ALA B 5 -9.54 -5.22 1.11
CA ALA B 5 -9.05 -4.86 2.43
C ALA B 5 -7.54 -4.70 2.46
N GLU B 6 -6.83 -5.48 1.65
CA GLU B 6 -5.38 -5.44 1.64
C GLU B 6 -4.86 -4.12 1.08
N LYS B 7 -5.50 -3.62 0.02
CA LYS B 7 -5.13 -2.33 -0.55
C LYS B 7 -5.35 -1.23 0.47
N VAL B 8 -6.46 -1.33 1.20
CA VAL B 8 -6.79 -0.35 2.24
C VAL B 8 -5.76 -0.42 3.37
N GLU B 9 -5.39 -1.64 3.75
CA GLU B 9 -4.35 -1.86 4.75
C GLU B 9 -3.05 -1.18 4.34
N CYS B 10 -2.61 -1.48 3.12
CA CYS B 10 -1.35 -0.95 2.60
C CYS B 10 -1.32 0.57 2.59
N ALA B 11 -2.38 1.17 2.07
CA ALA B 11 -2.44 2.63 1.90
C ALA B 11 -2.47 3.36 3.23
N LEU B 12 -2.78 2.65 4.31
CA LEU B 12 -3.01 3.27 5.60
C LEU B 12 -1.85 3.14 6.58
N LYS B 13 -1.38 1.92 6.79
CA LYS B 13 -0.38 1.66 7.83
C LYS B 13 0.89 2.46 7.62
N GLY B 14 1.37 3.05 8.71
CA GLY B 14 2.51 3.96 8.65
C GLY B 14 2.06 5.38 8.28
N GLY B 15 0.77 5.54 8.04
CA GLY B 15 0.22 6.80 7.58
C GLY B 15 -0.40 7.63 8.69
N ILE B 16 -0.21 8.94 8.60
CA ILE B 16 -0.84 9.88 9.52
C ILE B 16 -1.70 10.85 8.72
N PHE B 17 -2.99 10.88 9.04
CA PHE B 17 -3.96 11.63 8.27
C PHE B 17 -4.51 12.81 9.07
N ARG B 18 -4.64 13.96 8.41
CA ARG B 18 -5.07 15.19 9.06
C ARG B 18 -6.20 15.89 8.31
N GLY B 19 -7.09 16.51 9.07
CA GLY B 19 -8.19 17.28 8.50
C GLY B 19 -8.92 18.02 9.59
N THR B 20 -9.74 18.99 9.20
CA THR B 20 -10.53 19.76 10.15
C THR B 20 -11.99 19.33 10.06
N LEU B 21 -12.41 18.49 11.01
CA LEU B 21 -13.76 17.95 11.00
C LEU B 21 -14.74 18.95 11.63
N PRO B 22 -16.02 18.90 11.22
CA PRO B 22 -17.03 19.83 11.75
C PRO B 22 -17.17 19.75 13.27
N ALA B 23 -17.54 20.87 13.88
CA ALA B 23 -17.71 20.96 15.33
C ALA B 23 -19.13 21.42 15.69
N GLY B 28 -14.58 24.09 13.84
CA GLY B 28 -14.06 22.84 13.33
C GLY B 28 -12.89 22.34 14.15
N ILE B 29 -12.82 21.02 14.34
CA ILE B 29 -11.76 20.42 15.14
C ILE B 29 -10.61 19.94 14.27
N ASP B 30 -9.44 20.54 14.46
CA ASP B 30 -8.23 20.06 13.81
C ASP B 30 -7.90 18.68 14.38
N THR B 31 -7.80 17.69 13.50
CA THR B 31 -7.71 16.30 13.95
C THR B 31 -6.60 15.53 13.25
N THR B 32 -6.00 14.61 13.98
CA THR B 32 -4.99 13.70 13.43
C THR B 32 -5.38 12.26 13.73
N VAL B 33 -5.11 11.37 12.79
CA VAL B 33 -5.29 9.94 12.99
C VAL B 33 -4.10 9.20 12.42
N THR B 34 -3.41 8.45 13.28
CA THR B 34 -2.23 7.69 12.89
C THR B 34 -2.53 6.20 12.92
N PHE B 35 -2.28 5.53 11.80
CA PHE B 35 -2.47 4.09 11.70
C PHE B 35 -1.12 3.40 11.75
N ASN B 36 -0.72 2.98 12.94
CA ASN B 36 0.56 2.28 13.12
C ASN B 36 0.51 0.91 12.44
N ALA B 37 1.62 0.54 11.83
CA ALA B 37 1.68 -0.70 11.04
C ALA B 37 1.58 -1.95 11.91
N ASP B 38 1.76 -1.79 13.22
CA ASP B 38 1.65 -2.91 14.14
C ASP B 38 0.19 -3.22 14.47
N GLY B 39 -0.72 -2.43 13.90
CA GLY B 39 -2.15 -2.61 14.11
C GLY B 39 -2.73 -1.63 15.09
N THR B 40 -1.87 -0.91 15.81
CA THR B 40 -2.32 0.08 16.79
C THR B 40 -2.57 1.42 16.11
N ALA B 41 -3.10 2.37 16.85
CA ALA B 41 -3.43 3.68 16.29
C ALA B 41 -3.63 4.72 17.40
N GLN B 42 -3.51 5.98 17.03
CA GLN B 42 -3.78 7.09 17.95
C GLN B 42 -4.54 8.20 17.22
N LYS B 43 -5.27 8.99 17.99
CA LYS B 43 -5.93 10.17 17.46
C LYS B 43 -5.57 11.39 18.31
N VAL B 44 -5.30 12.51 17.64
CA VAL B 44 -5.02 13.76 18.33
C VAL B 44 -6.00 14.83 17.86
N GLU B 45 -6.65 15.49 18.81
CA GLU B 45 -7.62 16.54 18.53
C GLU B 45 -7.20 17.85 19.19
N LEU B 46 -7.73 18.96 18.68
CA LEU B 46 -7.49 20.28 19.27
C LEU B 46 -8.83 20.99 19.53
N PRO B 56 -4.46 19.52 23.63
CA PRO B 56 -4.45 18.38 22.71
C PRO B 56 -5.02 17.11 23.31
N LEU B 57 -6.23 16.73 22.89
CA LEU B 57 -6.84 15.49 23.34
C LEU B 57 -6.26 14.31 22.56
N THR B 58 -5.56 13.42 23.27
CA THR B 58 -4.97 12.24 22.66
C THR B 58 -5.81 11.00 22.95
N TYR B 59 -5.95 10.14 21.93
CA TYR B 59 -6.64 8.87 22.06
C TYR B 59 -5.71 7.74 21.64
N ARG B 60 -6.06 6.52 22.00
CA ARG B 60 -5.21 5.36 21.77
C ARG B 60 -6.05 4.11 21.51
N GLY B 61 -5.59 3.25 20.60
CA GLY B 61 -6.32 2.03 20.30
C GLY B 61 -5.80 1.26 19.10
N THR B 62 -6.68 0.44 18.51
CA THR B 62 -6.31 -0.42 17.39
C THR B 62 -7.19 -0.17 16.18
N TRP B 63 -6.82 -0.77 15.05
CA TRP B 63 -7.59 -0.64 13.83
C TRP B 63 -7.46 -1.89 12.98
N MET B 64 -8.45 -2.11 12.11
CA MET B 64 -8.39 -3.19 11.14
C MET B 64 -9.34 -2.87 9.99
N VAL B 65 -9.26 -3.64 8.92
CA VAL B 65 -10.10 -3.44 7.74
C VAL B 65 -11.01 -4.65 7.55
N ARG B 66 -12.29 -4.40 7.27
CA ARG B 66 -13.23 -5.49 7.00
C ARG B 66 -13.12 -5.90 5.54
N GLU B 67 -13.90 -6.89 5.14
CA GLU B 67 -13.92 -7.34 3.75
C GLU B 67 -14.56 -6.30 2.83
N ASP B 68 -15.30 -5.36 3.40
CA ASP B 68 -15.95 -4.31 2.61
C ASP B 68 -14.97 -3.18 2.30
N GLY B 69 -13.88 -3.12 3.05
CA GLY B 69 -12.83 -2.13 2.83
C GLY B 69 -12.85 -1.02 3.87
N ILE B 70 -13.86 -1.02 4.73
CA ILE B 70 -14.00 0.02 5.75
C ILE B 70 -13.07 -0.24 6.92
N VAL B 71 -12.56 0.84 7.49
CA VAL B 71 -11.63 0.76 8.62
C VAL B 71 -12.37 1.01 9.93
N GLU B 72 -12.34 0.03 10.82
CA GLU B 72 -12.86 0.21 12.18
C GLU B 72 -11.76 0.74 13.07
N LEU B 73 -12.10 1.71 13.91
CA LEU B 73 -11.16 2.34 14.81
C LEU B 73 -11.74 2.41 16.21
N SER B 74 -11.07 1.75 17.16
CA SER B 74 -11.55 1.66 18.54
C SER B 74 -10.77 2.59 19.45
N LEU B 75 -11.39 3.71 19.83
CA LEU B 75 -10.74 4.69 20.69
C LEU B 75 -11.12 4.49 22.15
N VAL B 76 -10.25 4.95 23.05
CA VAL B 76 -10.42 4.71 24.48
C VAL B 76 -10.53 6.02 25.27
N SER B 77 -9.43 6.77 25.31
CA SER B 77 -9.37 7.99 26.10
C SER B 77 -10.24 9.09 25.49
N LYS B 87 -16.58 3.30 18.61
CA LYS B 87 -15.93 2.93 17.36
C LYS B 87 -16.10 4.01 16.30
N GLU B 88 -15.13 4.10 15.40
CA GLU B 88 -15.13 5.09 14.33
C GLU B 88 -14.83 4.44 12.98
N LEU B 89 -15.72 4.65 12.01
CA LEU B 89 -15.56 4.06 10.69
C LEU B 89 -14.92 5.05 9.72
N TYR B 90 -14.05 4.54 8.85
CA TYR B 90 -13.37 5.35 7.86
C TYR B 90 -13.36 4.68 6.49
N GLU B 91 -13.55 5.47 5.44
CA GLU B 91 -13.46 4.99 4.07
C GLU B 91 -12.21 5.55 3.41
N LEU B 92 -11.55 4.73 2.61
CA LEU B 92 -10.39 5.18 1.84
C LEU B 92 -10.85 5.74 0.50
N ILE B 93 -10.76 7.06 0.35
CA ILE B 93 -11.13 7.71 -0.91
C ILE B 93 -10.09 7.38 -1.96
N ASP B 94 -8.87 7.86 -1.73
CA ASP B 94 -7.73 7.55 -2.58
C ASP B 94 -6.55 7.12 -1.71
N SER B 95 -5.40 6.92 -2.33
CA SER B 95 -4.23 6.39 -1.63
C SER B 95 -3.73 7.30 -0.50
N ASN B 96 -4.21 8.55 -0.47
CA ASN B 96 -3.73 9.54 0.49
C ASN B 96 -4.85 10.18 1.31
N SER B 97 -6.09 9.76 1.10
CA SER B 97 -7.24 10.40 1.74
C SER B 97 -8.19 9.38 2.35
N VAL B 98 -8.65 9.69 3.57
CA VAL B 98 -9.68 8.91 4.21
C VAL B 98 -10.82 9.83 4.64
N ARG B 99 -12.03 9.26 4.75
CA ARG B 99 -13.20 10.02 5.15
C ARG B 99 -13.83 9.42 6.40
N TYR B 100 -14.10 10.27 7.39
CA TYR B 100 -14.81 9.83 8.58
C TYR B 100 -16.28 9.62 8.24
N MET B 101 -16.75 8.39 8.38
CA MET B 101 -18.11 8.02 8.02
C MET B 101 -19.06 8.11 9.21
N GLY B 102 -18.52 7.92 10.41
CA GLY B 102 -19.31 7.93 11.62
C GLY B 102 -19.07 6.70 12.46
N ALA B 103 -20.13 6.22 13.11
CA ALA B 103 -20.05 5.03 13.96
C ALA B 103 -20.85 3.90 13.32
N PRO B 104 -20.69 2.67 13.82
CA PRO B 104 -21.48 1.55 13.28
C PRO B 104 -22.98 1.79 13.44
N GLY B 105 -23.71 1.71 12.34
CA GLY B 105 -25.15 1.96 12.35
C GLY B 105 -25.48 3.44 12.42
N ALA B 106 -24.46 4.28 12.29
CA ALA B 106 -24.65 5.73 12.34
C ALA B 106 -23.78 6.42 11.28
N GLY B 107 -23.90 5.94 10.05
CA GLY B 107 -23.13 6.50 8.94
C GLY B 107 -23.60 7.88 8.54
N LYS B 108 -22.79 8.58 7.74
CA LYS B 108 -23.08 9.94 7.29
C LYS B 108 -22.99 10.00 5.76
N PRO B 109 -24.08 9.63 5.07
CA PRO B 109 -24.05 9.55 3.60
C PRO B 109 -24.24 10.89 2.90
N SER B 110 -24.35 11.98 3.65
CA SER B 110 -24.52 13.30 3.04
C SER B 110 -23.37 13.62 2.10
N LYS B 111 -23.68 13.71 0.81
CA LYS B 111 -22.68 13.98 -0.21
C LYS B 111 -22.06 15.37 -0.04
N GLU B 112 -22.91 16.38 0.02
CA GLU B 112 -22.45 17.77 0.10
C GLU B 112 -21.68 18.04 1.39
N MET B 113 -21.80 17.13 2.35
CA MET B 113 -21.15 17.28 3.65
C MET B 113 -19.89 16.40 3.73
N ALA B 114 -19.73 15.51 2.76
CA ALA B 114 -18.66 14.52 2.78
C ALA B 114 -17.24 15.12 2.78
N PRO B 115 -16.98 16.13 1.93
CA PRO B 115 -15.61 16.66 1.83
C PRO B 115 -15.06 17.19 3.15
N PHE B 116 -15.93 17.61 4.06
CA PHE B 116 -15.49 18.20 5.31
C PHE B 116 -15.07 17.17 6.34
N TYR B 117 -15.26 15.88 6.01
CA TYR B 117 -14.88 14.78 6.89
C TYR B 117 -13.62 14.06 6.39
N VAL B 118 -12.96 14.64 5.40
CA VAL B 118 -11.80 14.01 4.79
C VAL B 118 -10.53 14.32 5.59
N LEU B 119 -9.62 13.35 5.62
CA LEU B 119 -8.33 13.50 6.31
C LEU B 119 -7.21 13.12 5.34
N LYS B 120 -6.34 14.09 5.03
CA LYS B 120 -5.28 13.87 4.06
C LYS B 120 -3.99 13.34 4.71
N LYS B 121 -3.34 12.41 4.02
CA LYS B 121 -2.07 11.86 4.47
C LYS B 121 -0.97 12.89 4.26
N THR B 122 0.17 12.68 4.92
CA THR B 122 1.30 13.58 4.79
C THR B 122 2.62 12.82 4.85
#